data_7SB7
#
_entry.id   7SB7
#
_cell.length_a   115.908
_cell.length_b   93.983
_cell.length_c   44.274
_cell.angle_alpha   90.0
_cell.angle_beta   109.125
_cell.angle_gamma   90.0
#
_symmetry.space_group_name_H-M   'C 1 2 1'
#
loop_
_entity.id
_entity.type
_entity.pdbx_description
1 polymer 'Hypoxanthine-guanine phosphoribosyltransferase'
2 non-polymer '({(2S)-3-(2-amino-6-oxo-1,6-dihydro-9H-purin-9-yl)-2-[(2S)-2-hydroxy-2-phosphonoethoxy]propoxy}methyl)phosphonic acid'
3 water water
#
_entity_poly.entity_id   1
_entity_poly.type   'polypeptide(L)'
_entity_poly.pdbx_seq_one_letter_code
;HHHHHHMEPACKYDFATSVLFTEAELHTRMRGVAQRIADDYSNCNLKPLENPLVIVSVLKGSFVFTADMVRILGDFGVPT
RVEFLRASSYGHDTKSCGRVDVKADGLCDIRGKHVLVLEDILDTALTLREVVDSLKKSEPASIKTLVAIDKPGGRKIPFT
AEYVVADVPNVFVVGYGLDYDQSYREVRDVVILKPSVYETWGKELERRKAAGEAKR
;
_entity_poly.pdbx_strand_id   A,B
#
loop_
_chem_comp.id
_chem_comp.type
_chem_comp.name
_chem_comp.formula
8QI non-polymer '({(2S)-3-(2-amino-6-oxo-1,6-dihydro-9H-purin-9-yl)-2-[(2S)-2-hydroxy-2-phosphonoethoxy]propoxy}methyl)phosphonic acid' 'C11 H19 N5 O10 P2'
#
# COMPACT_ATOMS: atom_id res chain seq x y z
N ALA A 10 13.55 25.71 -6.04
CA ALA A 10 12.57 25.52 -7.10
C ALA A 10 12.24 24.04 -7.27
N CYS A 11 11.21 23.58 -6.58
CA CYS A 11 10.80 22.18 -6.65
C CYS A 11 10.06 21.88 -7.94
N LYS A 12 10.20 20.65 -8.44
CA LYS A 12 9.52 20.24 -9.66
C LYS A 12 8.08 19.83 -9.36
N TYR A 13 7.28 20.78 -8.91
CA TYR A 13 5.87 20.55 -8.66
C TYR A 13 5.07 21.83 -8.91
N ASP A 14 4.31 21.84 -9.99
CA ASP A 14 3.54 23.02 -10.36
C ASP A 14 2.29 23.18 -9.49
N PHE A 15 2.07 22.21 -8.61
CA PHE A 15 0.92 22.25 -7.71
C PHE A 15 1.34 22.41 -6.25
N ALA A 16 2.64 22.53 -6.02
CA ALA A 16 3.17 22.67 -4.67
C ALA A 16 4.07 23.89 -4.53
N THR A 17 4.11 24.46 -3.33
CA THR A 17 4.95 25.62 -3.05
C THR A 17 6.36 25.18 -2.62
N SER A 18 6.42 24.06 -1.89
CA SER A 18 7.70 23.55 -1.42
C SER A 18 7.62 22.07 -1.06
N VAL A 19 8.78 21.41 -1.03
CA VAL A 19 8.86 20.01 -0.63
C VAL A 19 9.45 19.89 0.78
N LEU A 20 8.64 19.38 1.71
CA LEU A 20 9.08 19.27 3.09
C LEU A 20 10.01 18.09 3.29
N PHE A 21 9.60 16.92 2.79
CA PHE A 21 10.42 15.72 2.87
C PHE A 21 10.37 14.94 1.57
N THR A 22 11.53 14.59 1.04
CA THR A 22 11.59 13.79 -0.17
C THR A 22 11.43 12.31 0.16
N GLU A 23 11.24 11.50 -0.88
CA GLU A 23 11.11 10.05 -0.72
C GLU A 23 12.39 9.45 -0.15
N ALA A 24 13.53 9.97 -0.60
CA ALA A 24 14.83 9.52 -0.12
C ALA A 24 15.03 9.86 1.35
N GLU A 25 14.62 11.07 1.74
CA GLU A 25 14.71 11.50 3.13
C GLU A 25 13.87 10.62 4.04
N LEU A 26 12.66 10.30 3.59
CA LEU A 26 11.74 9.47 4.37
C LEU A 26 12.30 8.07 4.58
N HIS A 27 12.74 7.44 3.50
CA HIS A 27 13.28 6.08 3.56
C HIS A 27 14.52 6.01 4.46
N THR A 28 15.37 7.03 4.38
CA THR A 28 16.55 7.10 5.23
C THR A 28 16.16 7.07 6.70
N ARG A 29 15.15 7.88 7.05
CA ARG A 29 14.66 7.93 8.42
C ARG A 29 13.96 6.64 8.81
N MET A 30 13.30 6.01 7.85
CA MET A 30 12.55 4.79 8.12
C MET A 30 13.49 3.61 8.44
N ARG A 31 14.69 3.64 7.87
N ARG A 31 14.70 3.64 7.89
CA ARG A 31 15.70 2.63 8.18
CA ARG A 31 15.69 2.61 8.19
C ARG A 31 16.21 2.82 9.61
C ARG A 31 16.27 2.82 9.59
N GLY A 32 16.38 4.08 10.00
CA GLY A 32 16.84 4.41 11.33
C GLY A 32 15.81 3.99 12.36
N VAL A 33 14.54 4.19 12.02
CA VAL A 33 13.44 3.75 12.87
C VAL A 33 13.39 2.22 12.92
N ALA A 34 13.59 1.60 11.76
CA ALA A 34 13.57 0.13 11.65
C ALA A 34 14.65 -0.50 12.51
N GLN A 35 15.79 0.19 12.65
CA GLN A 35 16.88 -0.31 13.47
C GLN A 35 16.50 -0.30 14.94
N ARG A 36 15.81 0.75 15.37
CA ARG A 36 15.36 0.87 16.75
C ARG A 36 14.26 -0.14 17.03
N ILE A 37 13.31 -0.25 16.10
CA ILE A 37 12.21 -1.20 16.22
C ILE A 37 12.73 -2.64 16.32
N ALA A 38 13.77 -2.94 15.55
CA ALA A 38 14.40 -4.25 15.59
C ALA A 38 15.07 -4.50 16.93
N ASP A 39 15.77 -3.50 17.44
CA ASP A 39 16.44 -3.59 18.73
C ASP A 39 15.45 -3.74 19.87
N ASP A 40 14.37 -2.97 19.81
CA ASP A 40 13.36 -2.97 20.87
C ASP A 40 12.61 -4.30 20.96
N TYR A 41 12.27 -4.87 19.80
CA TYR A 41 11.49 -6.10 19.75
C TYR A 41 12.38 -7.35 19.68
N SER A 42 13.66 -7.18 20.00
CA SER A 42 14.60 -8.30 19.96
CA SER A 42 14.61 -8.29 19.97
C SER A 42 14.26 -9.37 20.99
N ASN A 43 13.74 -8.94 22.14
CA ASN A 43 13.38 -9.87 23.21
C ASN A 43 11.94 -10.39 23.08
N CYS A 44 11.34 -10.18 21.92
CA CYS A 44 9.95 -10.56 21.70
C CYS A 44 9.85 -11.89 20.93
N ASN A 45 10.98 -12.37 20.44
CA ASN A 45 11.06 -13.63 19.70
C ASN A 45 10.10 -13.65 18.51
N LEU A 46 10.30 -12.71 17.58
CA LEU A 46 9.43 -12.58 16.43
C LEU A 46 9.83 -13.50 15.29
N LYS A 47 8.88 -14.30 14.81
CA LYS A 47 9.12 -15.21 13.70
C LYS A 47 7.91 -15.23 12.76
N PRO A 48 8.16 -15.44 11.45
CA PRO A 48 7.07 -15.57 10.48
C PRO A 48 6.10 -16.69 10.86
N LEU A 49 4.85 -16.56 10.40
CA LEU A 49 3.78 -17.52 10.69
C LEU A 49 3.45 -17.61 12.19
N GLU A 50 4.37 -18.18 12.97
CA GLU A 50 4.12 -18.44 14.38
C GLU A 50 3.83 -17.17 15.19
N ASN A 51 4.84 -16.33 15.36
CA ASN A 51 4.69 -15.11 16.15
C ASN A 51 5.25 -13.88 15.45
N PRO A 52 4.54 -13.39 14.43
CA PRO A 52 4.99 -12.20 13.68
C PRO A 52 4.50 -10.91 14.32
N LEU A 53 5.17 -9.80 14.03
CA LEU A 53 4.74 -8.50 14.51
C LEU A 53 3.50 -8.04 13.73
N VAL A 54 2.39 -7.86 14.43
CA VAL A 54 1.13 -7.51 13.79
C VAL A 54 1.05 -6.02 13.48
N ILE A 55 1.19 -5.68 12.20
CA ILE A 55 1.09 -4.30 11.76
C ILE A 55 -0.37 -3.90 11.53
N VAL A 56 -0.83 -2.88 12.24
CA VAL A 56 -2.19 -2.40 12.08
C VAL A 56 -2.20 -1.06 11.37
N SER A 57 -2.46 -1.10 10.07
CA SER A 57 -2.47 0.11 9.25
C SER A 57 -3.79 0.87 9.41
N VAL A 58 -3.70 2.08 9.97
CA VAL A 58 -4.86 2.92 10.19
C VAL A 58 -4.91 4.01 9.12
N LEU A 59 -6.12 4.44 8.77
CA LEU A 59 -6.39 5.42 7.71
C LEU A 59 -6.13 4.85 6.32
N LYS A 60 -6.89 5.34 5.36
CA LYS A 60 -6.87 4.83 3.99
C LYS A 60 -5.55 5.09 3.29
N GLY A 61 -4.99 6.27 3.48
CA GLY A 61 -3.80 6.68 2.77
C GLY A 61 -2.49 6.18 3.34
N SER A 62 -2.57 5.34 4.38
CA SER A 62 -1.37 4.82 5.02
C SER A 62 -0.83 3.60 4.30
N PHE A 63 -1.40 3.27 3.15
CA PHE A 63 -0.98 2.06 2.44
C PHE A 63 0.39 2.23 1.80
N VAL A 64 0.75 3.47 1.47
CA VAL A 64 2.05 3.75 0.90
C VAL A 64 3.13 3.59 1.96
N PHE A 65 2.91 4.21 3.12
CA PHE A 65 3.84 4.12 4.24
C PHE A 65 3.95 2.69 4.75
N THR A 66 2.83 1.99 4.79
CA THR A 66 2.80 0.61 5.26
C THR A 66 3.56 -0.32 4.33
N ALA A 67 3.39 -0.13 3.03
CA ALA A 67 4.03 -0.97 2.03
C ALA A 67 5.55 -0.88 2.11
N ASP A 68 6.05 0.35 2.28
CA ASP A 68 7.49 0.57 2.35
C ASP A 68 8.08 0.12 3.69
N MET A 69 7.38 0.41 4.77
CA MET A 69 7.93 0.17 6.11
C MET A 69 8.06 -1.31 6.45
N VAL A 70 7.09 -2.12 6.06
CA VAL A 70 7.14 -3.55 6.35
C VAL A 70 8.27 -4.20 5.57
N ARG A 71 8.58 -3.66 4.39
CA ARG A 71 9.68 -4.16 3.58
C ARG A 71 11.02 -3.75 4.18
N ILE A 72 11.06 -2.55 4.74
CA ILE A 72 12.25 -2.07 5.43
C ILE A 72 12.42 -2.81 6.75
N LEU A 73 11.30 -3.10 7.42
CA LEU A 73 11.33 -3.91 8.63
C LEU A 73 11.85 -5.32 8.33
N GLY A 74 11.51 -5.83 7.15
CA GLY A 74 11.97 -7.14 6.73
C GLY A 74 13.48 -7.17 6.56
N ASP A 75 14.04 -6.09 6.04
CA ASP A 75 15.48 -5.98 5.83
C ASP A 75 16.25 -6.05 7.13
N PHE A 76 15.61 -5.57 8.21
CA PHE A 76 16.25 -5.54 9.51
C PHE A 76 15.86 -6.75 10.36
N GLY A 77 15.26 -7.74 9.72
CA GLY A 77 14.92 -9.00 10.36
C GLY A 77 13.70 -8.94 11.27
N VAL A 78 12.68 -8.21 10.85
CA VAL A 78 11.45 -8.10 11.62
C VAL A 78 10.26 -8.62 10.82
N PRO A 79 9.80 -9.84 11.14
CA PRO A 79 8.64 -10.45 10.47
C PRO A 79 7.35 -9.72 10.80
N THR A 80 6.50 -9.50 9.79
CA THR A 80 5.28 -8.73 9.99
C THR A 80 4.05 -9.34 9.31
N ARG A 81 2.89 -9.04 9.88
CA ARG A 81 1.60 -9.33 9.25
C ARG A 81 0.74 -8.08 9.35
N VAL A 82 0.01 -7.77 8.28
CA VAL A 82 -0.73 -6.51 8.25
C VAL A 82 -2.24 -6.68 8.35
N GLU A 83 -2.87 -5.74 9.05
CA GLU A 83 -4.32 -5.65 9.13
C GLU A 83 -4.73 -4.20 8.85
N PHE A 84 -5.79 -4.02 8.06
CA PHE A 84 -6.20 -2.68 7.66
C PHE A 84 -7.48 -2.24 8.36
N LEU A 85 -7.50 -0.99 8.82
CA LEU A 85 -8.68 -0.41 9.45
C LEU A 85 -9.23 0.75 8.61
N LEU A 107 -10.28 -6.54 15.95
CA LEU A 107 -9.72 -7.24 14.81
C LEU A 107 -9.61 -8.74 15.07
N CYS A 108 -9.53 -9.10 16.35
CA CYS A 108 -9.38 -10.48 16.81
C CYS A 108 -8.07 -11.12 16.33
N ASP A 109 -7.71 -12.24 16.95
CA ASP A 109 -6.47 -12.96 16.67
C ASP A 109 -5.25 -12.07 16.87
N ILE A 110 -5.29 -11.21 17.89
CA ILE A 110 -4.15 -10.38 18.24
C ILE A 110 -3.81 -10.55 19.71
N ARG A 111 -4.67 -11.28 20.43
CA ARG A 111 -4.45 -11.56 21.84
C ARG A 111 -3.16 -12.34 22.07
N GLY A 112 -2.23 -11.73 22.78
CA GLY A 112 -0.96 -12.37 23.08
C GLY A 112 0.14 -12.02 22.08
N LYS A 113 -0.22 -11.23 21.06
CA LYS A 113 0.72 -10.88 20.01
C LYS A 113 1.11 -9.41 20.08
N HIS A 114 2.35 -9.11 19.71
CA HIS A 114 2.84 -7.74 19.70
C HIS A 114 2.24 -6.96 18.53
N VAL A 115 1.77 -5.75 18.82
CA VAL A 115 1.07 -4.95 17.82
C VAL A 115 1.75 -3.60 17.57
N LEU A 116 2.08 -3.33 16.31
CA LEU A 116 2.62 -2.04 15.93
C LEU A 116 1.64 -1.31 15.02
N VAL A 117 1.10 -0.21 15.52
CA VAL A 117 0.09 0.54 14.78
C VAL A 117 0.71 1.60 13.89
N LEU A 118 0.51 1.46 12.59
CA LEU A 118 1.05 2.42 11.62
C LEU A 118 0.00 3.39 11.12
N GLU A 119 0.38 4.67 11.02
CA GLU A 119 -0.49 5.70 10.49
C GLU A 119 0.35 6.69 9.68
N ASP A 120 -0.17 7.14 8.54
CA ASP A 120 0.59 8.00 7.65
C ASP A 120 0.88 9.36 8.27
N ILE A 121 -0.07 9.89 9.03
CA ILE A 121 0.11 11.19 9.66
C ILE A 121 -0.54 11.25 11.04
N LEU A 122 0.01 12.09 11.91
CA LEU A 122 -0.51 12.26 13.25
C LEU A 122 -0.73 13.75 13.55
N ASP A 123 -1.99 14.12 13.76
CA ASP A 123 -2.34 15.52 13.96
C ASP A 123 -3.03 15.76 15.29
N THR A 124 -4.36 15.64 15.31
CA THR A 124 -5.14 15.83 16.52
C THR A 124 -5.04 14.61 17.43
N ALA A 125 -4.51 13.51 16.88
CA ALA A 125 -4.31 12.25 17.59
C ALA A 125 -5.62 11.64 18.09
N LEU A 126 -6.74 12.04 17.48
CA LEU A 126 -8.04 11.49 17.85
C LEU A 126 -8.24 10.12 17.25
N THR A 127 -7.60 9.88 16.11
CA THR A 127 -7.73 8.60 15.42
C THR A 127 -6.93 7.51 16.12
N LEU A 128 -5.68 7.80 16.44
CA LEU A 128 -4.80 6.83 17.09
C LEU A 128 -5.27 6.51 18.51
N ARG A 129 -5.74 7.53 19.23
CA ARG A 129 -6.19 7.34 20.60
C ARG A 129 -7.34 6.36 20.67
N GLU A 130 -8.27 6.47 19.73
CA GLU A 130 -9.41 5.56 19.67
C GLU A 130 -8.99 4.14 19.31
N VAL A 131 -8.14 4.04 18.29
CA VAL A 131 -7.68 2.75 17.79
C VAL A 131 -6.85 2.00 18.85
N VAL A 132 -5.85 2.68 19.41
CA VAL A 132 -5.00 2.08 20.42
C VAL A 132 -5.80 1.57 21.62
N ASP A 133 -6.68 2.41 22.13
CA ASP A 133 -7.52 2.05 23.28
C ASP A 133 -8.45 0.88 22.96
N SER A 134 -8.91 0.82 21.71
CA SER A 134 -9.80 -0.26 21.28
CA SER A 134 -9.80 -0.26 21.28
C SER A 134 -9.04 -1.58 21.16
N LEU A 135 -7.78 -1.50 20.76
CA LEU A 135 -6.95 -2.69 20.61
C LEU A 135 -6.55 -3.28 21.96
N LYS A 136 -6.55 -2.43 23.00
CA LYS A 136 -6.18 -2.87 24.34
C LYS A 136 -7.21 -3.85 24.91
N LYS A 137 -8.45 -3.77 24.41
CA LYS A 137 -9.53 -4.62 24.89
C LYS A 137 -9.30 -6.08 24.48
N SER A 138 -8.46 -6.29 23.47
CA SER A 138 -8.22 -7.63 22.95
C SER A 138 -7.01 -8.30 23.61
N GLU A 139 -6.46 -7.64 24.63
CA GLU A 139 -5.33 -8.15 25.41
C GLU A 139 -4.14 -8.60 24.56
N PRO A 140 -3.47 -7.65 23.89
CA PRO A 140 -2.28 -8.01 23.11
C PRO A 140 -1.04 -8.11 23.99
N ALA A 141 0.06 -8.59 23.42
CA ALA A 141 1.32 -8.66 24.16
C ALA A 141 1.84 -7.26 24.47
N SER A 142 1.83 -6.40 23.45
CA SER A 142 2.24 -5.02 23.60
C SER A 142 1.70 -4.17 22.46
N ILE A 143 1.59 -2.86 22.70
CA ILE A 143 1.15 -1.93 21.66
C ILE A 143 2.10 -0.74 21.57
N LYS A 144 2.53 -0.43 20.35
CA LYS A 144 3.27 0.79 20.08
C LYS A 144 2.75 1.41 18.80
N THR A 145 3.07 2.68 18.57
CA THR A 145 2.61 3.37 17.38
C THR A 145 3.78 3.91 16.55
N LEU A 146 3.65 3.81 15.24
CA LEU A 146 4.65 4.34 14.31
C LEU A 146 3.98 5.21 13.27
N VAL A 147 4.34 6.49 13.26
CA VAL A 147 3.78 7.42 12.28
C VAL A 147 4.88 7.95 11.35
N ALA A 148 4.51 8.24 10.11
CA ALA A 148 5.45 8.75 9.14
C ALA A 148 5.62 10.25 9.32
N ILE A 149 4.50 10.95 9.46
CA ILE A 149 4.52 12.39 9.66
C ILE A 149 3.77 12.78 10.94
N ASP A 150 4.49 13.33 11.90
CA ASP A 150 3.85 13.80 13.12
C ASP A 150 3.69 15.31 13.11
N LYS A 151 2.49 15.77 13.45
CA LYS A 151 2.22 17.20 13.62
C LYS A 151 1.94 17.46 15.09
N PRO A 152 3.02 17.70 15.88
CA PRO A 152 2.91 17.85 17.33
C PRO A 152 2.03 19.03 17.75
N GLY A 153 1.97 20.06 16.91
CA GLY A 153 1.24 21.27 17.25
C GLY A 153 -0.22 21.24 16.84
N GLY A 154 -0.71 20.06 16.48
CA GLY A 154 -2.09 19.91 16.05
C GLY A 154 -2.94 19.11 17.01
N ARG A 155 -2.34 18.71 18.12
CA ARG A 155 -3.02 17.89 19.13
C ARG A 155 -4.24 18.57 19.72
N LYS A 156 -5.35 17.85 19.76
CA LYS A 156 -6.53 18.29 20.50
C LYS A 156 -6.58 17.51 21.80
N ILE A 157 -5.86 16.39 21.83
CA ILE A 157 -5.63 15.61 23.05
C ILE A 157 -4.16 15.18 23.09
N PRO A 158 -3.61 15.05 24.30
CA PRO A 158 -2.21 14.61 24.42
C PRO A 158 -2.01 13.17 23.97
N PHE A 159 -0.99 12.94 23.16
CA PHE A 159 -0.66 11.60 22.67
C PHE A 159 0.75 11.59 22.09
N THR A 160 1.56 10.62 22.53
CA THR A 160 2.93 10.51 22.05
C THR A 160 3.15 9.16 21.37
N ALA A 161 3.66 9.20 20.15
CA ALA A 161 3.96 7.99 19.40
C ALA A 161 5.33 7.47 19.78
N GLU A 162 5.47 6.14 19.85
CA GLU A 162 6.75 5.53 20.19
C GLU A 162 7.81 5.80 19.11
N TYR A 163 7.39 5.72 17.85
CA TYR A 163 8.31 5.94 16.74
C TYR A 163 7.77 6.98 15.76
N VAL A 164 8.58 7.99 15.49
CA VAL A 164 8.22 9.04 14.54
C VAL A 164 9.27 9.17 13.46
N VAL A 165 8.85 9.12 12.20
CA VAL A 165 9.77 9.26 11.08
C VAL A 165 10.19 10.71 10.89
N ALA A 166 9.20 11.60 10.79
CA ALA A 166 9.49 13.02 10.59
C ALA A 166 8.42 13.90 11.23
N ASP A 167 8.79 15.15 11.51
CA ASP A 167 7.87 16.12 12.09
C ASP A 167 7.61 17.28 11.12
N VAL A 168 6.37 17.77 11.11
CA VAL A 168 6.05 18.98 10.35
C VAL A 168 5.26 19.94 11.23
N PRO A 169 5.39 21.25 10.97
CA PRO A 169 4.59 22.25 11.69
C PRO A 169 3.13 22.23 11.23
N ASN A 170 2.32 23.14 11.78
CA ASN A 170 0.90 23.18 11.47
C ASN A 170 0.62 23.65 10.04
N VAL A 171 0.89 22.76 9.08
CA VAL A 171 0.58 23.02 7.69
C VAL A 171 -0.09 21.80 7.06
N PHE A 172 -0.95 22.04 6.08
CA PHE A 172 -1.61 20.95 5.37
C PHE A 172 -0.70 20.41 4.27
N VAL A 173 -0.42 19.11 4.32
CA VAL A 173 0.51 18.49 3.38
C VAL A 173 -0.14 17.36 2.59
N VAL A 174 0.39 17.09 1.41
CA VAL A 174 -0.05 15.93 0.62
C VAL A 174 1.15 15.16 0.13
N GLY A 175 0.90 13.99 -0.45
CA GLY A 175 1.97 13.14 -0.93
C GLY A 175 2.26 11.99 0.02
N TYR A 176 2.89 10.94 -0.50
CA TYR A 176 3.21 9.74 0.26
C TYR A 176 1.97 9.20 0.97
N GLY A 177 0.88 9.09 0.23
CA GLY A 177 -0.36 8.55 0.77
C GLY A 177 -1.33 9.62 1.23
N LEU A 178 -0.81 10.77 1.61
CA LEU A 178 -1.64 11.88 2.07
CA LEU A 178 -1.64 11.88 2.06
C LEU A 178 -2.33 12.56 0.88
N ASP A 179 -3.61 12.85 1.05
CA ASP A 179 -4.42 13.35 -0.07
C ASP A 179 -5.00 14.75 0.13
N TYR A 180 -5.44 15.32 -0.98
CA TYR A 180 -6.38 16.43 -0.96
C TYR A 180 -7.55 16.06 -1.84
N ASP A 181 -8.67 15.71 -1.21
CA ASP A 181 -9.85 15.19 -1.91
C ASP A 181 -9.49 13.98 -2.76
N GLN A 182 -8.86 13.00 -2.13
CA GLN A 182 -8.53 11.71 -2.74
C GLN A 182 -7.50 11.81 -3.87
N SER A 183 -6.88 12.97 -4.04
CA SER A 183 -5.86 13.14 -5.06
C SER A 183 -4.49 13.41 -4.44
N TYR A 184 -3.45 13.28 -5.27
CA TYR A 184 -2.06 13.57 -4.90
C TYR A 184 -1.47 12.60 -3.87
N ARG A 185 -2.09 11.43 -3.71
CA ARG A 185 -1.52 10.39 -2.86
C ARG A 185 -0.26 9.83 -3.49
N GLU A 186 -0.23 9.81 -4.82
CA GLU A 186 0.85 9.17 -5.56
C GLU A 186 2.13 9.99 -5.61
N VAL A 187 2.07 11.22 -5.09
CA VAL A 187 3.24 12.06 -5.01
C VAL A 187 4.26 11.43 -4.07
N ARG A 188 5.46 11.17 -4.60
CA ARG A 188 6.49 10.47 -3.84
C ARG A 188 6.98 11.26 -2.62
N ASP A 189 6.91 12.59 -2.72
CA ASP A 189 7.41 13.44 -1.65
C ASP A 189 6.26 14.06 -0.86
N VAL A 190 6.53 14.41 0.40
CA VAL A 190 5.57 15.12 1.22
C VAL A 190 5.69 16.62 0.94
N VAL A 191 4.67 17.19 0.28
CA VAL A 191 4.72 18.57 -0.16
C VAL A 191 3.57 19.40 0.39
N ILE A 192 3.74 20.72 0.35
CA ILE A 192 2.66 21.65 0.66
C ILE A 192 2.02 22.15 -0.63
N LEU A 193 0.73 21.89 -0.78
CA LEU A 193 0.01 22.28 -1.99
C LEU A 193 -0.05 23.79 -2.16
N LYS A 194 0.13 24.23 -3.41
CA LYS A 194 -0.03 25.63 -3.77
C LYS A 194 -1.48 26.04 -3.52
N PRO A 195 -1.68 27.23 -2.92
CA PRO A 195 -3.03 27.72 -2.61
C PRO A 195 -3.96 27.81 -3.82
N SER A 196 -3.37 27.91 -5.02
CA SER A 196 -4.16 27.99 -6.24
C SER A 196 -4.89 26.68 -6.53
N VAL A 197 -4.39 25.59 -5.95
CA VAL A 197 -4.99 24.27 -6.18
C VAL A 197 -6.40 24.19 -5.59
N TYR A 198 -6.56 24.58 -4.32
CA TYR A 198 -7.86 24.54 -3.68
C TYR A 198 -8.81 25.56 -4.30
N GLU A 199 -8.25 26.70 -4.71
CA GLU A 199 -9.06 27.78 -5.27
C GLU A 199 -9.61 27.40 -6.64
N THR A 200 -8.74 26.88 -7.50
CA THR A 200 -9.16 26.41 -8.82
C THR A 200 -10.13 25.23 -8.67
N TRP A 201 -9.93 24.44 -7.63
CA TRP A 201 -10.82 23.33 -7.31
C TRP A 201 -12.06 23.83 -6.57
N GLY A 202 -12.22 25.15 -6.55
CA GLY A 202 -13.44 25.76 -6.03
C GLY A 202 -14.55 25.68 -7.07
N LYS A 203 -14.32 24.82 -8.07
CA LYS A 203 -15.31 24.52 -9.11
C LYS A 203 -16.64 24.10 -8.49
N GLU A 204 -17.47 25.08 -8.20
CA GLU A 204 -18.77 24.83 -7.58
C GLU A 204 -19.86 24.78 -8.64
N LEU A 205 -19.56 24.14 -9.76
CA LEU A 205 -20.53 24.00 -10.84
C LEU A 205 -21.49 22.85 -10.53
N GLU A 206 -22.22 22.99 -9.43
CA GLU A 206 -23.17 21.97 -9.00
C GLU A 206 -24.60 22.38 -9.31
N ARG A 207 -24.83 22.79 -10.55
CA ARG A 207 -26.16 23.21 -10.99
C ARG A 207 -26.76 22.20 -11.98
N PRO B 9 23.80 -23.05 -8.19
CA PRO B 9 23.75 -21.94 -7.22
C PRO B 9 22.72 -22.18 -6.12
N ALA B 10 22.61 -21.25 -5.18
CA ALA B 10 21.68 -21.39 -4.07
C ALA B 10 20.70 -20.21 -3.98
N CYS B 11 19.62 -20.41 -3.26
CA CYS B 11 18.60 -19.38 -3.10
C CYS B 11 18.99 -18.38 -2.02
N LYS B 12 18.39 -17.20 -2.05
CA LYS B 12 18.70 -16.15 -1.10
C LYS B 12 17.89 -16.29 0.18
N TYR B 13 16.65 -16.74 0.05
CA TYR B 13 15.77 -16.91 1.20
C TYR B 13 15.73 -18.37 1.65
N ASP B 14 15.87 -18.60 2.95
CA ASP B 14 15.89 -19.95 3.49
C ASP B 14 14.50 -20.56 3.54
N PHE B 15 13.49 -19.78 3.16
CA PHE B 15 12.11 -20.26 3.14
C PHE B 15 11.60 -20.41 1.72
N ALA B 16 12.48 -20.20 0.74
CA ALA B 16 12.09 -20.25 -0.66
C ALA B 16 13.00 -21.18 -1.47
N THR B 17 12.40 -21.88 -2.44
CA THR B 17 13.17 -22.77 -3.30
C THR B 17 13.92 -21.98 -4.37
N SER B 18 13.32 -20.87 -4.80
CA SER B 18 13.93 -20.03 -5.83
C SER B 18 13.25 -18.66 -5.91
N VAL B 19 13.95 -17.69 -6.52
CA VAL B 19 13.42 -16.34 -6.70
C VAL B 19 12.99 -16.14 -8.14
N LEU B 20 11.70 -15.91 -8.35
CA LEU B 20 11.16 -15.76 -9.70
C LEU B 20 11.37 -14.33 -10.23
N PHE B 21 10.96 -13.35 -9.44
CA PHE B 21 11.11 -11.96 -9.84
C PHE B 21 11.59 -11.11 -8.67
N THR B 22 12.71 -10.40 -8.88
CA THR B 22 13.23 -9.50 -7.87
C THR B 22 12.45 -8.20 -7.87
N GLU B 23 12.66 -7.39 -6.84
CA GLU B 23 12.01 -6.09 -6.73
C GLU B 23 12.43 -5.19 -7.90
N ALA B 24 13.67 -5.31 -8.32
CA ALA B 24 14.20 -4.53 -9.43
C ALA B 24 13.56 -4.96 -10.75
N GLU B 25 13.43 -6.26 -10.94
CA GLU B 25 12.79 -6.81 -12.14
C GLU B 25 11.34 -6.34 -12.24
N LEU B 26 10.63 -6.36 -11.11
CA LEU B 26 9.24 -5.93 -11.07
C LEU B 26 9.10 -4.46 -11.45
N HIS B 27 9.86 -3.60 -10.78
CA HIS B 27 9.81 -2.17 -11.02
C HIS B 27 10.15 -1.81 -12.47
N THR B 28 11.14 -2.48 -13.03
CA THR B 28 11.54 -2.27 -14.42
C THR B 28 10.37 -2.53 -15.36
N ARG B 29 9.65 -3.62 -15.10
CA ARG B 29 8.50 -3.98 -15.89
C ARG B 29 7.34 -3.02 -15.67
N MET B 30 7.20 -2.55 -14.43
CA MET B 30 6.10 -1.66 -14.06
C MET B 30 6.23 -0.29 -14.72
N ARG B 31 7.46 0.07 -15.10
CA ARG B 31 7.66 1.33 -15.82
C ARG B 31 7.21 1.17 -17.28
N GLY B 32 7.47 0.01 -17.85
CA GLY B 32 7.04 -0.30 -19.20
C GLY B 32 5.52 -0.30 -19.28
N VAL B 33 4.89 -0.92 -18.29
CA VAL B 33 3.44 -0.95 -18.20
C VAL B 33 2.88 0.46 -18.04
N ALA B 34 3.49 1.23 -17.15
CA ALA B 34 3.06 2.61 -16.88
C ALA B 34 3.19 3.48 -18.12
N GLN B 35 4.16 3.18 -18.96
CA GLN B 35 4.36 3.90 -20.21
C GLN B 35 3.18 3.68 -21.15
N ARG B 36 2.74 2.42 -21.25
CA ARG B 36 1.61 2.06 -22.10
C ARG B 36 0.32 2.65 -21.56
N ILE B 37 0.16 2.62 -20.25
CA ILE B 37 -1.02 3.19 -19.59
C ILE B 37 -1.08 4.69 -19.81
N ALA B 38 0.09 5.33 -19.74
CA ALA B 38 0.19 6.76 -19.98
C ALA B 38 -0.20 7.12 -21.40
N ASP B 39 0.10 6.22 -22.33
CA ASP B 39 -0.23 6.44 -23.74
C ASP B 39 -1.70 6.17 -24.02
N ASP B 40 -2.22 5.06 -23.49
CA ASP B 40 -3.60 4.66 -23.72
C ASP B 40 -4.59 5.67 -23.16
N TYR B 41 -4.29 6.21 -21.98
CA TYR B 41 -5.21 7.13 -21.30
C TYR B 41 -4.87 8.59 -21.58
N SER B 42 -3.97 8.82 -22.53
CA SER B 42 -3.54 10.17 -22.89
CA SER B 42 -3.54 10.18 -22.88
C SER B 42 -4.65 10.95 -23.58
N ASN B 43 -5.63 10.24 -24.13
CA ASN B 43 -6.73 10.88 -24.83
C ASN B 43 -7.98 10.97 -23.96
N CYS B 44 -7.83 10.63 -22.68
CA CYS B 44 -8.94 10.69 -21.74
C CYS B 44 -8.94 12.00 -20.97
N ASN B 45 -7.88 12.79 -21.17
CA ASN B 45 -7.70 14.06 -20.46
C ASN B 45 -7.79 13.86 -18.95
N LEU B 46 -6.79 13.16 -18.41
CA LEU B 46 -6.76 12.86 -16.98
C LEU B 46 -6.14 14.00 -16.18
N LYS B 47 -6.86 14.45 -15.15
CA LYS B 47 -6.38 15.51 -14.28
C LYS B 47 -6.66 15.18 -12.82
N PRO B 48 -5.76 15.60 -11.92
CA PRO B 48 -6.04 15.48 -10.48
C PRO B 48 -7.35 16.15 -10.12
N LEU B 49 -8.08 15.59 -9.15
CA LEU B 49 -9.36 16.12 -8.69
C LEU B 49 -10.44 16.04 -9.77
N GLU B 50 -10.24 16.77 -10.87
CA GLU B 50 -11.22 16.83 -11.95
C GLU B 50 -11.58 15.47 -12.53
N ASN B 51 -10.60 14.82 -13.15
CA ASN B 51 -10.81 13.53 -13.77
C ASN B 51 -9.65 12.57 -13.55
N PRO B 52 -9.45 12.13 -12.30
CA PRO B 52 -8.34 11.20 -12.01
C PRO B 52 -8.68 9.77 -12.41
N LEU B 53 -7.65 8.95 -12.60
CA LEU B 53 -7.86 7.53 -12.91
C LEU B 53 -8.16 6.77 -11.62
N VAL B 54 -9.35 6.18 -11.56
CA VAL B 54 -9.78 5.48 -10.34
C VAL B 54 -9.12 4.11 -10.23
N ILE B 55 -8.15 3.99 -9.33
CA ILE B 55 -7.45 2.74 -9.10
C ILE B 55 -8.16 1.90 -8.04
N VAL B 56 -8.75 0.79 -8.46
CA VAL B 56 -9.43 -0.10 -7.53
C VAL B 56 -8.51 -1.25 -7.12
N SER B 57 -8.03 -1.20 -5.88
CA SER B 57 -7.11 -2.21 -5.37
C SER B 57 -7.87 -3.38 -4.76
N VAL B 58 -7.87 -4.51 -5.47
CA VAL B 58 -8.58 -5.71 -5.02
C VAL B 58 -7.61 -6.64 -4.29
N LEU B 59 -8.13 -7.37 -3.30
CA LEU B 59 -7.35 -8.25 -2.42
C LEU B 59 -6.47 -7.46 -1.47
N LYS B 60 -6.25 -8.02 -0.27
CA LYS B 60 -5.53 -7.32 0.78
C LYS B 60 -4.05 -7.15 0.46
N GLY B 61 -3.48 -8.12 -0.24
CA GLY B 61 -2.06 -8.11 -0.54
C GLY B 61 -1.65 -7.10 -1.58
N SER B 62 -2.63 -6.54 -2.29
CA SER B 62 -2.34 -5.65 -3.41
C SER B 62 -1.90 -4.26 -2.97
N PHE B 63 -1.78 -4.04 -1.67
CA PHE B 63 -1.42 -2.70 -1.17
C PHE B 63 0.02 -2.36 -1.49
N VAL B 64 0.87 -3.37 -1.59
CA VAL B 64 2.28 -3.17 -1.94
C VAL B 64 2.40 -2.81 -3.43
N PHE B 65 1.71 -3.56 -4.27
CA PHE B 65 1.72 -3.31 -5.71
C PHE B 65 1.04 -1.99 -6.05
N THR B 66 -0.04 -1.69 -5.35
CA THR B 66 -0.78 -0.45 -5.59
C THR B 66 0.04 0.76 -5.17
N ALA B 67 0.74 0.67 -4.05
CA ALA B 67 1.56 1.78 -3.55
C ALA B 67 2.72 2.09 -4.48
N ASP B 68 3.29 1.05 -5.09
CA ASP B 68 4.41 1.24 -6.00
C ASP B 68 3.95 1.73 -7.36
N MET B 69 2.86 1.16 -7.87
CA MET B 69 2.40 1.45 -9.22
C MET B 69 1.90 2.89 -9.37
N VAL B 70 1.11 3.35 -8.42
CA VAL B 70 0.54 4.71 -8.50
C VAL B 70 1.64 5.76 -8.49
N ARG B 71 2.74 5.49 -7.80
CA ARG B 71 3.86 6.41 -7.77
C ARG B 71 4.63 6.37 -9.08
N ILE B 72 4.74 5.17 -9.65
CA ILE B 72 5.35 5.02 -10.98
C ILE B 72 4.45 5.66 -12.03
N LEU B 73 3.15 5.46 -11.88
CA LEU B 73 2.17 6.09 -12.77
C LEU B 73 2.27 7.61 -12.68
N GLY B 74 2.44 8.11 -11.45
CA GLY B 74 2.58 9.54 -11.22
C GLY B 74 3.80 10.12 -11.90
N ASP B 75 4.84 9.29 -12.04
CA ASP B 75 6.04 9.70 -12.75
C ASP B 75 5.76 9.87 -14.24
N PHE B 76 4.82 9.08 -14.75
CA PHE B 76 4.45 9.12 -16.16
C PHE B 76 3.24 10.02 -16.40
N GLY B 77 3.00 10.94 -15.48
CA GLY B 77 1.95 11.93 -15.63
C GLY B 77 0.53 11.37 -15.64
N VAL B 78 0.28 10.36 -14.83
CA VAL B 78 -1.05 9.76 -14.74
C VAL B 78 -1.63 9.93 -13.34
N PRO B 79 -2.55 10.90 -13.18
CA PRO B 79 -3.20 11.17 -11.90
C PRO B 79 -4.12 10.04 -11.47
N THR B 80 -4.03 9.62 -10.21
CA THR B 80 -4.79 8.47 -9.75
C THR B 80 -5.63 8.76 -8.50
N ARG B 81 -6.59 7.87 -8.26
CA ARG B 81 -7.41 7.90 -7.06
C ARG B 81 -7.68 6.47 -6.62
N VAL B 82 -7.32 6.13 -5.39
CA VAL B 82 -7.39 4.75 -4.94
C VAL B 82 -8.69 4.42 -4.21
N GLU B 83 -9.12 3.17 -4.37
CA GLU B 83 -10.24 2.61 -3.61
C GLU B 83 -9.87 1.18 -3.24
N PHE B 84 -10.26 0.74 -2.05
CA PHE B 84 -9.86 -0.58 -1.58
C PHE B 84 -11.03 -1.54 -1.37
N LEU B 85 -10.97 -2.67 -2.05
CA LEU B 85 -11.94 -3.75 -1.87
C LEU B 85 -11.26 -4.96 -1.25
N ARG B 86 -10.65 -4.77 -0.09
CA ARG B 86 -9.90 -5.82 0.58
C ARG B 86 -10.69 -6.44 1.73
N GLY B 106 -15.27 2.35 -2.55
CA GLY B 106 -15.40 1.14 -3.36
C GLY B 106 -16.17 1.38 -4.64
N LEU B 107 -17.48 1.17 -4.59
CA LEU B 107 -18.34 1.36 -5.75
C LEU B 107 -19.04 2.72 -5.72
N CYS B 108 -18.44 3.66 -5.02
N CYS B 108 -18.46 3.67 -5.01
CA CYS B 108 -19.02 5.00 -4.89
CA CYS B 108 -19.04 5.00 -4.90
C CYS B 108 -18.27 6.02 -5.75
C CYS B 108 -18.27 6.03 -5.74
N ASP B 109 -19.02 6.87 -6.43
CA ASP B 109 -18.46 7.96 -7.25
C ASP B 109 -17.46 7.48 -8.31
N ILE B 110 -17.84 6.47 -9.07
CA ILE B 110 -17.00 5.98 -10.16
C ILE B 110 -17.72 6.11 -11.50
N ARG B 111 -19.01 6.41 -11.45
CA ARG B 111 -19.82 6.57 -12.65
C ARG B 111 -19.30 7.67 -13.57
N GLY B 112 -19.02 7.32 -14.82
CA GLY B 112 -18.56 8.28 -15.80
C GLY B 112 -17.07 8.49 -15.78
N LYS B 113 -16.39 7.81 -14.86
CA LYS B 113 -14.94 7.95 -14.73
C LYS B 113 -14.22 6.68 -15.16
N HIS B 114 -12.94 6.81 -15.46
CA HIS B 114 -12.14 5.66 -15.88
C HIS B 114 -11.67 4.84 -14.68
N VAL B 115 -11.77 3.51 -14.79
CA VAL B 115 -11.44 2.62 -13.69
C VAL B 115 -10.36 1.61 -14.07
N LEU B 116 -9.25 1.62 -13.34
CA LEU B 116 -8.19 0.65 -13.54
C LEU B 116 -8.07 -0.23 -12.31
N VAL B 117 -8.56 -1.46 -12.42
CA VAL B 117 -8.53 -2.41 -11.32
C VAL B 117 -7.15 -3.03 -11.14
N LEU B 118 -6.58 -2.89 -9.95
CA LEU B 118 -5.27 -3.47 -9.66
C LEU B 118 -5.37 -4.66 -8.73
N GLU B 119 -4.62 -5.71 -9.05
CA GLU B 119 -4.57 -6.91 -8.23
C GLU B 119 -3.18 -7.51 -8.29
N ASP B 120 -2.70 -8.02 -7.15
CA ASP B 120 -1.34 -8.55 -7.07
C ASP B 120 -1.17 -9.82 -7.91
N ILE B 121 -2.12 -10.75 -7.83
CA ILE B 121 -2.01 -12.00 -8.56
C ILE B 121 -3.31 -12.38 -9.26
N LEU B 122 -3.19 -13.20 -10.30
CA LEU B 122 -4.31 -13.63 -11.11
C LEU B 122 -4.09 -15.03 -11.68
N ASP B 123 -4.98 -15.97 -11.35
CA ASP B 123 -4.93 -17.29 -11.98
C ASP B 123 -6.32 -17.82 -12.34
N THR B 124 -7.16 -18.08 -11.35
CA THR B 124 -8.50 -18.63 -11.61
C THR B 124 -9.42 -17.57 -12.19
N ALA B 125 -9.04 -16.31 -12.01
CA ALA B 125 -9.73 -15.15 -12.58
C ALA B 125 -11.15 -14.96 -12.04
N LEU B 126 -11.49 -15.69 -10.99
CA LEU B 126 -12.83 -15.60 -10.40
C LEU B 126 -13.01 -14.29 -9.64
N THR B 127 -11.95 -13.84 -8.98
CA THR B 127 -12.00 -12.59 -8.22
C THR B 127 -12.20 -11.39 -9.13
N LEU B 128 -11.34 -11.27 -10.14
CA LEU B 128 -11.39 -10.13 -11.05
C LEU B 128 -12.69 -10.09 -11.87
N ARG B 129 -13.19 -11.26 -12.25
CA ARG B 129 -14.40 -11.34 -13.07
C ARG B 129 -15.61 -10.73 -12.37
N GLU B 130 -15.83 -11.12 -11.11
CA GLU B 130 -16.96 -10.62 -10.35
C GLU B 130 -16.86 -9.12 -10.12
N VAL B 131 -15.65 -8.66 -9.80
CA VAL B 131 -15.41 -7.25 -9.53
C VAL B 131 -15.68 -6.39 -10.76
N VAL B 132 -15.14 -6.79 -11.90
CA VAL B 132 -15.32 -6.07 -13.15
C VAL B 132 -16.80 -5.99 -13.52
N ASP B 133 -17.49 -7.12 -13.40
CA ASP B 133 -18.91 -7.18 -13.72
C ASP B 133 -19.75 -6.41 -12.70
N SER B 134 -19.17 -6.14 -11.54
CA SER B 134 -19.86 -5.38 -10.50
CA SER B 134 -19.86 -5.38 -10.50
C SER B 134 -19.63 -3.89 -10.68
N LEU B 135 -18.46 -3.52 -11.18
CA LEU B 135 -18.13 -2.12 -11.42
C LEU B 135 -18.86 -1.58 -12.63
N LYS B 136 -19.19 -2.46 -13.57
CA LYS B 136 -19.92 -2.07 -14.77
C LYS B 136 -21.34 -1.64 -14.44
N LYS B 137 -21.86 -2.11 -13.31
CA LYS B 137 -23.20 -1.76 -12.88
C LYS B 137 -23.28 -0.28 -12.52
N SER B 138 -22.17 0.27 -12.04
CA SER B 138 -22.09 1.70 -11.71
C SER B 138 -21.86 2.51 -12.98
N GLU B 139 -21.61 1.82 -14.08
CA GLU B 139 -21.46 2.43 -15.40
C GLU B 139 -20.38 3.50 -15.45
N PRO B 140 -19.10 3.07 -15.56
CA PRO B 140 -17.97 3.98 -15.67
C PRO B 140 -17.65 4.34 -17.12
N ALA B 141 -16.72 5.27 -17.33
CA ALA B 141 -16.33 5.67 -18.67
C ALA B 141 -15.65 4.50 -19.39
N SER B 142 -14.80 3.79 -18.66
CA SER B 142 -14.13 2.60 -19.16
C SER B 142 -13.64 1.78 -17.97
N ILE B 143 -13.21 0.55 -18.23
CA ILE B 143 -12.68 -0.28 -17.15
C ILE B 143 -11.67 -1.30 -17.68
N LYS B 144 -10.45 -1.25 -17.15
CA LYS B 144 -9.41 -2.19 -17.49
C LYS B 144 -8.78 -2.75 -16.22
N THR B 145 -8.03 -3.85 -16.37
CA THR B 145 -7.41 -4.48 -15.21
C THR B 145 -5.89 -4.53 -15.35
N LEU B 146 -5.21 -4.33 -14.22
CA LEU B 146 -3.75 -4.41 -14.17
C LEU B 146 -3.32 -5.37 -13.06
N VAL B 147 -2.58 -6.40 -13.44
CA VAL B 147 -2.10 -7.36 -12.45
C VAL B 147 -0.58 -7.35 -12.38
N ALA B 148 -0.04 -7.68 -11.22
CA ALA B 148 1.41 -7.76 -11.04
C ALA B 148 1.90 -9.15 -11.44
N ILE B 149 1.22 -10.18 -10.93
CA ILE B 149 1.56 -11.55 -11.26
C ILE B 149 0.38 -12.25 -11.93
N ASP B 150 0.63 -12.82 -13.10
CA ASP B 150 -0.43 -13.54 -13.81
C ASP B 150 -0.05 -15.01 -13.98
N LYS B 151 -0.96 -15.89 -13.61
CA LYS B 151 -0.80 -17.32 -13.83
C LYS B 151 -1.83 -17.77 -14.86
N PRO B 152 -1.51 -17.62 -16.16
CA PRO B 152 -2.44 -17.89 -17.25
C PRO B 152 -2.90 -19.34 -17.31
N GLY B 153 -2.13 -20.24 -16.70
CA GLY B 153 -2.46 -21.65 -16.70
C GLY B 153 -3.32 -22.07 -15.54
N GLY B 154 -3.92 -21.10 -14.85
CA GLY B 154 -4.75 -21.39 -13.70
C GLY B 154 -6.20 -21.02 -13.89
N ARG B 155 -6.55 -20.60 -15.10
CA ARG B 155 -7.89 -20.11 -15.42
C ARG B 155 -8.99 -21.15 -15.21
N LYS B 156 -10.03 -20.76 -14.48
CA LYS B 156 -11.26 -21.53 -14.40
C LYS B 156 -12.23 -21.03 -15.46
N ILE B 157 -12.07 -19.75 -15.79
CA ILE B 157 -12.82 -19.12 -16.87
C ILE B 157 -11.86 -18.29 -17.74
N PRO B 158 -12.22 -18.08 -19.02
CA PRO B 158 -11.40 -17.21 -19.85
C PRO B 158 -11.35 -15.78 -19.32
N PHE B 159 -10.15 -15.22 -19.21
CA PHE B 159 -9.97 -13.86 -18.76
C PHE B 159 -8.57 -13.36 -19.11
N THR B 160 -8.49 -12.14 -19.63
CA THR B 160 -7.22 -11.56 -20.00
C THR B 160 -7.06 -10.15 -19.43
N ALA B 161 -6.05 -9.96 -18.60
CA ALA B 161 -5.75 -8.63 -18.07
C ALA B 161 -5.19 -7.75 -19.19
N GLU B 162 -5.65 -6.51 -19.24
CA GLU B 162 -5.18 -5.56 -20.24
C GLU B 162 -3.69 -5.27 -20.07
N TYR B 163 -3.24 -5.29 -18.82
CA TYR B 163 -1.83 -5.05 -18.51
C TYR B 163 -1.30 -6.08 -17.53
N VAL B 164 -0.20 -6.73 -17.88
CA VAL B 164 0.42 -7.72 -17.01
C VAL B 164 1.89 -7.38 -16.79
N VAL B 165 2.29 -7.33 -15.53
CA VAL B 165 3.68 -7.06 -15.19
C VAL B 165 4.56 -8.27 -15.46
N ALA B 166 4.18 -9.43 -14.91
CA ALA B 166 4.98 -10.64 -15.05
C ALA B 166 4.12 -11.90 -15.08
N ASP B 167 4.68 -12.96 -15.64
CA ASP B 167 4.01 -14.26 -15.70
C ASP B 167 4.78 -15.31 -14.93
N VAL B 168 4.08 -16.11 -14.13
CA VAL B 168 4.68 -17.27 -13.49
C VAL B 168 3.83 -18.51 -13.78
N PRO B 169 4.47 -19.69 -13.87
CA PRO B 169 3.74 -20.95 -14.04
C PRO B 169 2.90 -21.31 -12.82
N ASN B 170 2.24 -22.46 -12.87
CA ASN B 170 1.33 -22.86 -11.79
C ASN B 170 2.07 -23.32 -10.54
N VAL B 171 2.76 -22.38 -9.89
CA VAL B 171 3.45 -22.64 -8.64
C VAL B 171 3.02 -21.62 -7.58
N PHE B 172 2.97 -22.03 -6.33
CA PHE B 172 2.57 -21.13 -5.26
C PHE B 172 3.70 -20.18 -4.90
N VAL B 173 3.43 -18.88 -4.96
CA VAL B 173 4.45 -17.87 -4.71
C VAL B 173 4.10 -16.98 -3.51
N VAL B 174 5.12 -16.37 -2.92
CA VAL B 174 4.92 -15.40 -1.86
C VAL B 174 5.82 -14.19 -2.10
N GLY B 175 5.55 -13.11 -1.36
CA GLY B 175 6.33 -11.89 -1.52
C GLY B 175 5.59 -10.83 -2.30
N TYR B 176 6.04 -9.58 -2.15
CA TYR B 176 5.45 -8.43 -2.81
C TYR B 176 3.94 -8.35 -2.58
N GLY B 177 3.53 -8.52 -1.33
CA GLY B 177 2.12 -8.45 -0.97
C GLY B 177 1.47 -9.81 -0.88
N LEU B 178 1.96 -10.76 -1.68
CA LEU B 178 1.42 -12.12 -1.67
C LEU B 178 1.84 -12.86 -0.41
N ASP B 179 0.91 -13.60 0.18
CA ASP B 179 1.13 -14.18 1.49
C ASP B 179 0.86 -15.68 1.58
N TYR B 180 1.42 -16.30 2.62
CA TYR B 180 0.94 -17.59 3.08
C TYR B 180 0.59 -17.48 4.55
N ASP B 181 -0.71 -17.54 4.85
CA ASP B 181 -1.22 -17.36 6.20
C ASP B 181 -0.73 -16.04 6.79
N GLN B 182 -0.95 -14.96 6.05
CA GLN B 182 -0.67 -13.59 6.49
C GLN B 182 0.81 -13.28 6.71
N SER B 183 1.69 -14.10 6.18
CA SER B 183 3.12 -13.85 6.30
C SER B 183 3.80 -13.71 4.94
N TYR B 184 5.05 -13.23 4.97
CA TYR B 184 5.90 -13.11 3.78
C TYR B 184 5.45 -12.07 2.77
N ARG B 185 4.49 -11.22 3.15
CA ARG B 185 4.07 -10.13 2.27
C ARG B 185 5.20 -9.13 2.07
N GLU B 186 5.96 -8.88 3.14
CA GLU B 186 6.99 -7.86 3.15
C GLU B 186 8.25 -8.26 2.36
N VAL B 187 8.25 -9.47 1.84
CA VAL B 187 9.36 -9.94 1.01
C VAL B 187 9.39 -9.14 -0.28
N ARG B 188 10.53 -8.51 -0.57
CA ARG B 188 10.66 -7.63 -1.71
C ARG B 188 10.61 -8.36 -3.05
N ASP B 189 10.86 -9.67 -3.01
CA ASP B 189 10.89 -10.47 -4.23
C ASP B 189 9.73 -11.46 -4.28
N VAL B 190 9.26 -11.73 -5.49
CA VAL B 190 8.26 -12.78 -5.68
C VAL B 190 8.98 -14.12 -5.77
N VAL B 191 8.86 -14.93 -4.73
CA VAL B 191 9.59 -16.19 -4.65
C VAL B 191 8.65 -17.37 -4.52
N ILE B 192 9.13 -18.55 -4.90
CA ILE B 192 8.39 -19.79 -4.70
C ILE B 192 8.55 -20.27 -3.27
N LEU B 193 7.43 -20.39 -2.56
CA LEU B 193 7.46 -20.85 -1.18
C LEU B 193 7.85 -22.32 -1.09
N LYS B 194 8.77 -22.63 -0.19
CA LYS B 194 9.20 -24.01 0.02
C LYS B 194 8.04 -24.89 0.45
N PRO B 195 7.90 -26.06 -0.18
CA PRO B 195 6.87 -27.05 0.16
C PRO B 195 6.92 -27.46 1.63
N SER B 196 8.13 -27.44 2.20
CA SER B 196 8.32 -27.82 3.59
C SER B 196 7.70 -26.81 4.55
N VAL B 197 7.55 -25.57 4.10
CA VAL B 197 7.04 -24.50 4.95
C VAL B 197 5.54 -24.61 5.20
N TYR B 198 4.77 -24.78 4.13
CA TYR B 198 3.31 -24.78 4.27
C TYR B 198 2.74 -26.17 4.59
N GLU B 199 3.62 -27.14 4.79
CA GLU B 199 3.18 -28.45 5.28
C GLU B 199 3.53 -28.57 6.77
N THR B 200 4.65 -27.97 7.16
CA THR B 200 5.03 -27.92 8.56
C THR B 200 4.07 -27.01 9.32
N TRP B 201 3.64 -25.95 8.65
CA TRP B 201 2.71 -25.00 9.25
C TRP B 201 1.28 -25.54 9.19
N GLY B 202 1.13 -26.73 8.61
CA GLY B 202 -0.15 -27.43 8.65
C GLY B 202 -0.42 -27.94 10.06
N LYS B 203 -0.53 -27.01 11.00
CA LYS B 203 -0.68 -27.34 12.41
C LYS B 203 -1.99 -26.77 12.95
N GLU B 204 -2.79 -26.19 12.06
CA GLU B 204 -4.06 -25.61 12.44
C GLU B 204 -5.12 -26.67 12.74
N GLU B 206 -4.81 -27.55 13.70
CA GLU B 206 -5.72 -28.61 14.08
C GLU B 206 -5.30 -29.27 15.38
C10 8QI C . -6.26 11.48 6.76
C17 8QI C . -6.44 12.72 10.21
C24 8QI C . -4.75 15.57 9.22
C26 8QI C . -3.48 16.18 7.59
C02 8QI C . -3.49 15.49 4.99
C05 8QI C . -4.42 15.29 7.10
C07 8QI C . -6.31 14.01 8.10
C08 8QI C . -5.97 12.68 8.76
C11 8QI C . -7.42 10.83 6.00
C19 8QI C . -4.74 12.68 11.82
C27 8QI C . -2.53 16.72 6.69
N01 8QI C . -3.50 15.12 3.59
N03 8QI C . -2.57 16.35 5.42
N04 8QI C . -4.39 14.97 5.81
N06 8QI C . -5.18 14.94 8.15
N25 8QI C . -3.72 16.33 8.91
O09 8QI C . -6.66 11.67 8.08
O12 8QI C . -8.28 11.81 5.51
O14 8QI C . -5.29 9.47 4.86
O15 8QI C . -6.86 10.58 3.31
O16 8QI C . -7.55 8.53 4.47
O18 8QI C . -5.58 11.93 10.97
O21 8QI C . -4.50 12.67 14.57
O22 8QI C . -6.51 11.59 13.63
O23 8QI C . -6.31 14.04 13.62
O28 8QI C . -1.55 17.62 7.13
P13 8QI C . -6.74 9.81 4.60
P20 8QI C . -5.55 12.74 13.49
C10 8QI D . -4.64 -13.91 -2.46
C17 8QI D . -6.55 -15.56 -5.14
C24 8QI D . -3.79 -17.75 -5.73
C26 8QI D . -1.68 -17.62 -5.30
C02 8QI D . -0.38 -16.52 -3.23
C05 8QI D . -2.38 -17.01 -4.28
C07 8QI D . -4.77 -16.59 -3.75
C08 8QI D . -5.31 -15.27 -4.28
C11 8QI D . -5.05 -13.84 -0.99
C19 8QI D . -6.23 -15.10 -7.42
C27 8QI D . -0.27 -17.66 -5.23
N01 8QI D . 0.33 -15.94 -2.11
N03 8QI D . 0.33 -17.10 -4.19
N04 8QI D . -1.69 -16.47 -3.26
N06 8QI D . -3.68 -17.10 -4.58
N25 8QI D . -2.59 -18.07 -6.18
O09 8QI D . -5.69 -14.47 -3.20
O12 8QI D . -4.31 -14.76 -0.23
O14 8QI D . -4.37 -11.19 -1.38
O15 8QI D . -3.71 -12.19 0.76
O16 8QI D . -6.07 -11.64 0.37
O18 8QI D . -6.61 -14.61 -6.16
O21 8QI D . -7.68 -15.27 -9.77
O22 8QI D . -8.97 -14.94 -7.70
O23 8QI D . -7.95 -17.12 -8.17
O28 8QI D . 0.49 -18.26 -6.24
P13 8QI D . -4.80 -12.14 -0.28
P20 8QI D . -7.78 -15.63 -8.32
#